data_6AWL
#
_entry.id   6AWL
#
_cell.length_a   38.110
_cell.length_b   97.390
_cell.length_c   63.650
_cell.angle_alpha   90.00
_cell.angle_beta   95.40
_cell.angle_gamma   90.00
#
_symmetry.space_group_name_H-M   'P 1 21 1'
#
loop_
_entity.id
_entity.type
_entity.pdbx_description
1 polymer 'Ubiquinone biosynthesis protein COQ9, mitochondrial'
2 non-polymer DI-PALMITOYL-3-SN-PHOSPHATIDYLETHANOLAMINE
3 non-polymer 2-[BIS-(2-HYDROXY-ETHYL)-AMINO]-2-HYDROXYMETHYL-PROPANE-1,3-DIOL
4 water water
#
_entity_poly.entity_id   1
_entity_poly.type   'polypeptide(L)'
_entity_poly.pdbx_seq_one_letter_code
;MAAAAVSGALGRAGWRLLQLRCLPVARCRQALVPRAFHASAVGLRSSDEQKQQPPNSFSQQHSETQGAEKPDPESSHSPP
RYTDQGGEEEEDYESEEQLQHRILTAALEFVPAHGWTAEAIAEGAQSLGLSSAAASMFGKDGSELILHFVTQCNTRLTRV
LEEEQKLVQLGQAEKRKTDQFLRDAVETRLRMLIPYIEHWPRALSILMLPHNIPSSLSLLTSMVDDMWHYAGDQSTDFNW
YTRRAMLAAIYNTTELVMMQDSSPDFEDTWRFLENRVNDAMNMGHTAKQVKSTGEALVQGLMGAAVTLKNLTGLNQRR
;
_entity_poly.pdbx_strand_id   A,B
#
# COMPACT_ATOMS: atom_id res chain seq x y z
N SER A 95 -12.20 -26.97 23.08
CA SER A 95 -12.13 -27.34 21.67
C SER A 95 -10.67 -27.36 21.22
N GLU A 96 -10.45 -27.86 20.00
CA GLU A 96 -9.11 -27.88 19.44
C GLU A 96 -8.62 -26.49 19.05
N GLU A 97 -9.53 -25.55 18.86
CA GLU A 97 -9.14 -24.17 18.55
C GLU A 97 -8.65 -23.45 19.80
N GLN A 98 -9.28 -23.69 20.95
CA GLN A 98 -8.81 -23.09 22.19
C GLN A 98 -7.39 -23.55 22.52
N LEU A 99 -7.10 -24.82 22.26
CA LEU A 99 -5.75 -25.35 22.49
C LEU A 99 -4.75 -24.65 21.58
N GLN A 100 -5.08 -24.50 20.30
CA GLN A 100 -4.18 -23.81 19.37
C GLN A 100 -3.92 -22.39 19.83
N HIS A 101 -4.97 -21.67 20.23
N HIS A 101 -4.96 -21.67 20.26
CA HIS A 101 -4.79 -20.30 20.72
CA HIS A 101 -4.77 -20.30 20.70
C HIS A 101 -3.85 -20.26 21.91
C HIS A 101 -3.88 -20.23 21.94
N ARG A 102 -4.02 -21.20 22.84
CA ARG A 102 -3.18 -21.23 24.02
C ARG A 102 -1.72 -21.47 23.66
N ILE A 103 -1.46 -22.44 22.78
CA ILE A 103 -0.10 -22.74 22.36
C ILE A 103 0.51 -21.53 21.66
N LEU A 104 -0.23 -20.91 20.74
CA LEU A 104 0.33 -19.79 19.99
C LEU A 104 0.61 -18.60 20.89
N THR A 105 -0.23 -18.37 21.90
CA THR A 105 0.06 -17.30 22.86
C THR A 105 1.34 -17.59 23.62
N ALA A 106 1.50 -18.83 24.10
CA ALA A 106 2.72 -19.19 24.81
C ALA A 106 3.95 -19.10 23.92
N ALA A 107 3.79 -19.40 22.63
CA ALA A 107 4.93 -19.34 21.71
C ALA A 107 5.46 -17.92 21.54
N LEU A 108 4.62 -16.91 21.73
CA LEU A 108 5.07 -15.53 21.51
C LEU A 108 6.24 -15.17 22.39
N GLU A 109 6.27 -15.68 23.62
CA GLU A 109 7.38 -15.46 24.52
C GLU A 109 8.70 -15.91 23.90
N PHE A 110 8.66 -16.89 23.01
CA PHE A 110 9.85 -17.52 22.47
C PHE A 110 10.23 -17.02 21.08
N VAL A 111 9.47 -16.09 20.52
CA VAL A 111 9.75 -15.58 19.17
C VAL A 111 11.08 -14.82 19.17
N PRO A 112 11.34 -13.95 20.16
CA PRO A 112 12.61 -13.21 20.14
C PRO A 112 13.83 -14.11 19.98
N ALA A 113 13.83 -15.29 20.58
CA ALA A 113 14.98 -16.18 20.49
C ALA A 113 14.93 -17.12 19.30
N HIS A 114 13.74 -17.45 18.80
CA HIS A 114 13.61 -18.50 17.79
C HIS A 114 12.94 -18.06 16.50
N GLY A 115 12.37 -16.87 16.43
CA GLY A 115 11.66 -16.44 15.24
C GLY A 115 10.25 -16.97 15.17
N TRP A 116 9.59 -16.68 14.05
CA TRP A 116 8.22 -17.12 13.80
C TRP A 116 8.28 -18.50 13.19
N THR A 117 8.55 -19.49 14.02
CA THR A 117 9.00 -20.79 13.56
C THR A 117 8.32 -21.90 14.36
N ALA A 118 8.38 -23.11 13.82
CA ALA A 118 7.95 -24.27 14.58
C ALA A 118 8.76 -24.41 15.85
N GLU A 119 10.00 -23.93 15.85
N GLU A 119 10.00 -23.94 15.83
CA GLU A 119 10.80 -23.97 17.07
CA GLU A 119 10.85 -23.91 17.02
C GLU A 119 10.16 -23.14 18.16
C GLU A 119 10.17 -23.14 18.14
N ALA A 120 9.63 -21.96 17.82
CA ALA A 120 8.94 -21.15 18.82
C ALA A 120 7.65 -21.80 19.26
N ILE A 121 6.92 -22.41 18.31
CA ILE A 121 5.67 -23.08 18.66
C ILE A 121 5.94 -24.27 19.57
N ALA A 122 6.95 -25.07 19.21
CA ALA A 122 7.34 -26.19 20.05
C ALA A 122 7.69 -25.74 21.47
N GLU A 123 8.43 -24.63 21.58
CA GLU A 123 8.75 -24.10 22.90
C GLU A 123 7.49 -23.67 23.65
N GLY A 124 6.58 -22.99 22.96
CA GLY A 124 5.31 -22.64 23.58
C GLY A 124 4.56 -23.86 24.07
N ALA A 125 4.50 -24.91 23.25
CA ALA A 125 3.81 -26.13 23.65
C ALA A 125 4.49 -26.75 24.87
N GLN A 126 5.83 -26.80 24.85
CA GLN A 126 6.58 -27.37 25.96
C GLN A 126 6.39 -26.57 27.23
N SER A 127 6.25 -25.25 27.12
CA SER A 127 6.01 -24.41 28.29
C SER A 127 4.65 -24.65 28.93
N LEU A 128 3.71 -25.27 28.22
CA LEU A 128 2.41 -25.61 28.77
C LEU A 128 2.36 -27.05 29.29
N GLY A 129 3.49 -27.75 29.26
CA GLY A 129 3.55 -29.14 29.67
C GLY A 129 3.28 -30.13 28.56
N LEU A 130 3.15 -29.65 27.32
CA LEU A 130 2.84 -30.50 26.18
C LEU A 130 4.11 -30.93 25.47
N SER A 131 3.98 -31.96 24.64
CA SER A 131 5.11 -32.39 23.83
C SER A 131 5.35 -31.40 22.71
N SER A 132 6.59 -31.34 22.23
CA SER A 132 6.90 -30.51 21.07
C SER A 132 6.11 -30.93 19.85
N ALA A 133 5.63 -32.17 19.82
CA ALA A 133 4.85 -32.66 18.69
C ALA A 133 3.52 -31.92 18.55
N ALA A 134 3.09 -31.18 19.58
CA ALA A 134 1.88 -30.38 19.46
C ALA A 134 2.00 -29.40 18.30
N ALA A 135 3.20 -28.90 18.03
CA ALA A 135 3.38 -27.98 16.92
C ALA A 135 3.00 -28.62 15.59
N SER A 136 2.74 -29.93 15.57
CA SER A 136 2.20 -30.63 14.42
C SER A 136 0.87 -30.07 13.95
N MET A 137 0.16 -29.36 14.81
CA MET A 137 -1.12 -28.73 14.50
C MET A 137 -0.99 -27.50 13.62
N PHE A 138 0.22 -27.06 13.31
CA PHE A 138 0.42 -25.85 12.53
C PHE A 138 1.38 -26.14 11.39
N GLY A 139 1.27 -25.36 10.32
CA GLY A 139 2.27 -25.43 9.27
C GLY A 139 3.61 -24.97 9.81
N LYS A 140 4.59 -24.94 8.93
CA LYS A 140 5.94 -24.53 9.29
C LYS A 140 6.24 -23.10 8.86
N ASP A 141 5.30 -22.42 8.20
CA ASP A 141 5.53 -21.06 7.73
C ASP A 141 5.79 -20.12 8.88
N GLY A 142 5.10 -20.30 10.00
CA GLY A 142 4.92 -19.26 10.99
C GLY A 142 3.70 -18.40 10.75
N SER A 143 2.92 -18.69 9.71
N SER A 143 2.95 -18.67 9.69
CA SER A 143 1.77 -17.84 9.40
CA SER A 143 1.75 -17.90 9.36
C SER A 143 0.79 -17.78 10.57
C SER A 143 0.82 -17.79 10.56
N GLU A 144 0.44 -18.94 11.13
CA GLU A 144 -0.56 -18.95 12.21
C GLU A 144 -0.11 -18.12 13.40
N LEU A 145 1.17 -18.21 13.77
CA LEU A 145 1.66 -17.48 14.92
C LEU A 145 1.68 -15.98 14.66
N ILE A 146 2.12 -15.56 13.46
CA ILE A 146 2.18 -14.14 13.14
C ILE A 146 0.78 -13.55 13.09
N LEU A 147 -0.14 -14.21 12.38
CA LEU A 147 -1.50 -13.69 12.32
C LEU A 147 -2.13 -13.68 13.70
N HIS A 148 -1.81 -14.67 14.52
CA HIS A 148 -2.26 -14.66 15.92
C HIS A 148 -1.76 -13.41 16.64
N PHE A 149 -0.49 -13.06 16.43
CA PHE A 149 0.08 -11.88 17.06
C PHE A 149 -0.57 -10.60 16.54
N VAL A 150 -0.76 -10.50 15.22
CA VAL A 150 -1.40 -9.31 14.66
C VAL A 150 -2.81 -9.14 15.24
N THR A 151 -3.55 -10.25 15.36
CA THR A 151 -4.90 -10.17 15.90
C THR A 151 -4.87 -9.68 17.34
N GLN A 152 -3.97 -10.23 18.14
CA GLN A 152 -3.81 -9.79 19.53
C GLN A 152 -3.48 -8.30 19.61
N CYS A 153 -2.59 -7.83 18.73
CA CYS A 153 -2.21 -6.42 18.75
C CYS A 153 -3.39 -5.52 18.43
N ASN A 154 -4.17 -5.87 17.40
CA ASN A 154 -5.31 -5.03 17.04
C ASN A 154 -6.36 -5.01 18.14
N THR A 155 -6.53 -6.14 18.83
CA THR A 155 -7.44 -6.18 19.98
C THR A 155 -6.95 -5.26 21.09
N ARG A 156 -5.66 -5.35 21.41
CA ARG A 156 -5.08 -4.44 22.39
C ARG A 156 -5.29 -2.98 22.00
N LEU A 157 -5.06 -2.66 20.72
CA LEU A 157 -5.21 -1.27 20.29
C LEU A 157 -6.62 -0.77 20.54
N THR A 158 -7.63 -1.55 20.15
CA THR A 158 -9.01 -1.12 20.33
C THR A 158 -9.31 -0.81 21.80
N ARG A 159 -8.76 -1.61 22.71
CA ARG A 159 -9.03 -1.40 24.12
C ARG A 159 -8.37 -0.11 24.61
N VAL A 160 -7.16 0.17 24.14
CA VAL A 160 -6.50 1.44 24.48
C VAL A 160 -7.32 2.61 23.95
N LEU A 161 -7.75 2.53 22.68
CA LEU A 161 -8.50 3.64 22.11
C LEU A 161 -9.83 3.83 22.82
N GLU A 162 -10.47 2.73 23.22
CA GLU A 162 -11.70 2.82 24.01
C GLU A 162 -11.42 3.45 25.38
N GLU A 163 -10.29 3.11 25.98
CA GLU A 163 -9.92 3.72 27.26
C GLU A 163 -9.65 5.22 27.11
N GLU A 164 -8.92 5.62 26.06
CA GLU A 164 -8.70 7.03 25.81
C GLU A 164 -10.01 7.78 25.59
N GLN A 165 -10.96 7.16 24.88
CA GLN A 165 -12.23 7.83 24.62
C GLN A 165 -13.03 8.01 25.90
N LYS A 166 -13.11 6.98 26.74
CA LYS A 166 -13.86 7.09 27.97
C LYS A 166 -13.28 8.18 28.87
N LEU A 167 -11.95 8.35 28.83
CA LEU A 167 -11.30 9.43 29.57
C LEU A 167 -11.82 10.79 29.10
N VAL A 168 -12.00 10.96 27.79
CA VAL A 168 -12.55 12.21 27.27
C VAL A 168 -14.00 12.37 27.71
N GLN A 169 -14.76 11.27 27.71
CA GLN A 169 -16.16 11.32 28.11
C GLN A 169 -16.30 11.76 29.56
N LEU A 170 -15.30 11.45 30.40
CA LEU A 170 -15.27 11.91 31.78
C LEU A 170 -14.84 13.36 31.92
N GLY A 171 -14.48 14.03 30.82
CA GLY A 171 -13.97 15.38 30.89
C GLY A 171 -12.56 15.53 31.43
N GLN A 172 -11.85 14.42 31.64
CA GLN A 172 -10.49 14.48 32.17
C GLN A 172 -9.44 14.53 31.07
N ALA A 173 -9.85 14.49 29.81
CA ALA A 173 -8.94 14.70 28.69
C ALA A 173 -9.70 15.42 27.60
N GLU A 174 -8.98 16.20 26.81
CA GLU A 174 -9.58 16.91 25.69
C GLU A 174 -9.52 16.06 24.44
N LYS A 175 -10.56 16.11 23.63
CA LYS A 175 -10.53 15.42 22.35
C LYS A 175 -9.36 15.96 21.54
N ARG A 176 -8.53 15.05 21.04
CA ARG A 176 -7.40 15.46 20.22
C ARG A 176 -7.85 15.70 18.78
N LYS A 177 -7.14 16.59 18.09
CA LYS A 177 -7.33 16.74 16.66
C LYS A 177 -6.98 15.45 15.93
N THR A 178 -7.56 15.32 14.74
CA THR A 178 -7.38 14.11 13.94
C THR A 178 -5.90 13.80 13.72
N ASP A 179 -5.12 14.82 13.34
CA ASP A 179 -3.71 14.58 13.06
C ASP A 179 -2.97 14.07 14.29
N GLN A 180 -3.25 14.66 15.45
CA GLN A 180 -2.64 14.18 16.69
C GLN A 180 -3.15 12.80 17.05
N PHE A 181 -4.47 12.58 16.94
CA PHE A 181 -5.02 11.28 17.29
C PHE A 181 -4.39 10.18 16.46
N LEU A 182 -4.27 10.40 15.15
CA LEU A 182 -3.74 9.36 14.27
C LEU A 182 -2.27 9.09 14.56
N ARG A 183 -1.48 10.13 14.82
CA ARG A 183 -0.09 9.92 15.19
C ARG A 183 0.03 9.10 16.47
N ASP A 184 -0.83 9.37 17.46
CA ASP A 184 -0.77 8.64 18.71
C ASP A 184 -1.24 7.19 18.53
N ALA A 185 -2.28 6.98 17.75
CA ALA A 185 -2.81 5.63 17.57
C ALA A 185 -1.82 4.75 16.82
N VAL A 186 -1.16 5.29 15.80
CA VAL A 186 -0.19 4.50 15.03
C VAL A 186 1.03 4.19 15.88
N GLU A 187 1.53 5.16 16.64
CA GLU A 187 2.67 4.90 17.51
C GLU A 187 2.33 3.82 18.54
N THR A 188 1.17 3.94 19.18
CA THR A 188 0.74 2.93 20.14
C THR A 188 0.74 1.54 19.52
N ARG A 189 0.26 1.44 18.27
CA ARG A 189 0.13 0.13 17.65
C ARG A 189 1.50 -0.41 17.24
N LEU A 190 2.37 0.44 16.71
CA LEU A 190 3.67 -0.03 16.23
C LEU A 190 4.62 -0.32 17.38
N ARG A 191 4.46 0.35 18.52
CA ARG A 191 5.30 0.04 19.67
C ARG A 191 5.09 -1.38 20.16
N MET A 192 3.94 -1.99 19.86
CA MET A 192 3.73 -3.39 20.18
C MET A 192 4.68 -4.33 19.45
N LEU A 193 5.41 -3.83 18.45
CA LEU A 193 6.34 -4.66 17.70
C LEU A 193 7.72 -4.74 18.34
N ILE A 194 8.05 -3.82 19.24
CA ILE A 194 9.44 -3.64 19.65
C ILE A 194 10.08 -4.92 20.17
N PRO A 195 9.42 -5.72 21.03
CA PRO A 195 10.07 -6.96 21.50
C PRO A 195 10.34 -7.94 20.38
N TYR A 196 9.70 -7.81 19.23
CA TYR A 196 9.80 -8.77 18.14
C TYR A 196 10.47 -8.18 16.91
N ILE A 197 11.15 -7.04 17.06
CA ILE A 197 11.47 -6.25 15.89
C ILE A 197 12.60 -6.86 15.05
N GLU A 198 13.50 -7.64 15.67
CA GLU A 198 14.53 -8.30 14.88
C GLU A 198 13.92 -9.18 13.79
N HIS A 199 12.81 -9.84 14.11
CA HIS A 199 12.19 -10.81 13.21
C HIS A 199 10.98 -10.25 12.47
N TRP A 200 10.65 -8.97 12.66
CA TRP A 200 9.42 -8.49 12.04
C TRP A 200 9.54 -8.35 10.53
N PRO A 201 10.72 -8.00 9.98
CA PRO A 201 10.86 -8.01 8.52
C PRO A 201 10.47 -9.33 7.89
N ARG A 202 10.87 -10.46 8.50
CA ARG A 202 10.44 -11.75 7.98
C ARG A 202 8.95 -11.97 8.18
N ALA A 203 8.41 -11.54 9.33
CA ALA A 203 6.97 -11.66 9.54
C ALA A 203 6.20 -10.94 8.46
N LEU A 204 6.65 -9.75 8.08
CA LEU A 204 6.00 -8.99 7.02
C LEU A 204 6.03 -9.74 5.70
N SER A 205 7.17 -10.35 5.38
CA SER A 205 7.28 -11.10 4.13
C SER A 205 6.36 -12.31 4.12
N ILE A 206 6.15 -12.93 5.29
CA ILE A 206 5.24 -14.06 5.38
C ILE A 206 3.80 -13.57 5.26
N LEU A 207 3.49 -12.45 5.92
CA LEU A 207 2.16 -11.85 5.81
C LEU A 207 1.83 -11.44 4.38
N MET A 208 2.84 -11.25 3.53
CA MET A 208 2.63 -10.85 2.16
C MET A 208 2.53 -12.03 1.20
N LEU A 209 2.62 -13.26 1.70
CA LEU A 209 2.43 -14.40 0.82
C LEU A 209 1.00 -14.43 0.32
N PRO A 210 0.77 -14.77 -0.95
CA PRO A 210 -0.61 -14.72 -1.48
C PRO A 210 -1.64 -15.45 -0.63
N HIS A 211 -1.31 -16.61 -0.07
CA HIS A 211 -2.33 -17.33 0.69
C HIS A 211 -2.60 -16.70 2.05
N ASN A 212 -1.76 -15.76 2.49
CA ASN A 212 -1.99 -15.02 3.73
C ASN A 212 -2.58 -13.64 3.49
N ILE A 213 -2.59 -13.17 2.24
CA ILE A 213 -3.00 -11.79 1.98
C ILE A 213 -4.44 -11.55 2.39
N PRO A 214 -5.40 -12.44 2.12
CA PRO A 214 -6.77 -12.18 2.60
C PRO A 214 -6.86 -11.93 4.10
N SER A 215 -6.16 -12.72 4.91
CA SER A 215 -6.18 -12.51 6.35
C SER A 215 -5.43 -11.25 6.73
N SER A 216 -4.21 -11.09 6.20
CA SER A 216 -3.41 -9.93 6.55
C SER A 216 -4.08 -8.62 6.13
N LEU A 217 -4.68 -8.60 4.95
CA LEU A 217 -5.35 -7.38 4.50
C LEU A 217 -6.62 -7.11 5.30
N SER A 218 -7.31 -8.17 5.74
CA SER A 218 -8.52 -7.98 6.53
C SER A 218 -8.18 -7.43 7.92
N LEU A 219 -7.13 -7.97 8.54
CA LEU A 219 -6.68 -7.43 9.82
C LEU A 219 -6.25 -5.97 9.68
N LEU A 220 -5.48 -5.66 8.63
CA LEU A 220 -5.05 -4.29 8.42
C LEU A 220 -6.25 -3.36 8.22
N THR A 221 -7.20 -3.77 7.38
CA THR A 221 -8.34 -2.92 7.07
C THR A 221 -9.20 -2.67 8.30
N SER A 222 -9.43 -3.71 9.11
CA SER A 222 -10.21 -3.53 10.33
C SER A 222 -9.48 -2.60 11.30
N MET A 223 -8.16 -2.75 11.43
CA MET A 223 -7.39 -1.87 12.28
C MET A 223 -7.54 -0.42 11.83
N VAL A 224 -7.32 -0.17 10.53
CA VAL A 224 -7.45 1.18 9.99
C VAL A 224 -8.86 1.71 10.22
N ASP A 225 -9.88 0.90 9.92
CA ASP A 225 -11.26 1.31 10.17
C ASP A 225 -11.47 1.65 11.63
N ASP A 226 -10.88 0.87 12.53
CA ASP A 226 -11.02 1.11 13.96
C ASP A 226 -10.39 2.45 14.36
N MET A 227 -9.19 2.73 13.85
CA MET A 227 -8.53 4.00 14.16
C MET A 227 -9.40 5.18 13.75
N TRP A 228 -9.94 5.13 12.52
CA TRP A 228 -10.77 6.22 12.04
C TRP A 228 -12.04 6.36 12.87
N HIS A 229 -12.64 5.24 13.27
CA HIS A 229 -13.84 5.30 14.11
C HIS A 229 -13.58 6.14 15.36
N TYR A 230 -12.47 5.89 16.05
CA TYR A 230 -12.19 6.59 17.29
C TYR A 230 -11.60 7.97 17.07
N ALA A 231 -11.01 8.23 15.90
CA ALA A 231 -10.60 9.58 15.56
C ALA A 231 -11.81 10.50 15.47
N GLY A 232 -12.98 9.96 15.14
CA GLY A 232 -14.16 10.76 14.89
C GLY A 232 -14.00 11.62 13.65
N ASP A 233 -12.90 12.38 13.60
CA ASP A 233 -12.63 13.27 12.48
C ASP A 233 -13.80 14.22 12.29
N GLN A 234 -14.80 13.79 11.51
CA GLN A 234 -15.89 14.66 11.08
C GLN A 234 -15.30 16.06 10.97
N SER A 235 -14.23 16.17 10.19
CA SER A 235 -13.48 17.41 10.02
C SER A 235 -13.01 17.43 8.58
N THR A 236 -12.01 16.60 8.28
CA THR A 236 -11.68 16.30 6.88
C THR A 236 -12.92 15.77 6.19
N ASP A 237 -12.98 15.89 4.86
CA ASP A 237 -14.07 15.29 4.11
C ASP A 237 -13.52 14.25 3.15
N PHE A 238 -12.62 13.39 3.63
CA PHE A 238 -12.25 12.21 2.89
C PHE A 238 -13.39 11.20 2.90
N ASN A 239 -13.49 10.44 1.82
CA ASN A 239 -14.45 9.36 1.74
C ASN A 239 -13.80 8.10 2.30
N TRP A 240 -14.62 7.07 2.51
CA TRP A 240 -14.14 5.86 3.17
C TRP A 240 -12.89 5.32 2.49
N TYR A 241 -12.83 5.44 1.16
CA TYR A 241 -11.69 4.91 0.41
C TYR A 241 -10.42 5.72 0.67
N THR A 242 -10.50 7.04 0.55
CA THR A 242 -9.33 7.88 0.82
C THR A 242 -8.84 7.70 2.24
N ARG A 243 -9.77 7.61 3.20
CA ARG A 243 -9.39 7.39 4.58
C ARG A 243 -8.58 6.10 4.73
N ARG A 244 -9.12 4.99 4.21
CA ARG A 244 -8.45 3.70 4.34
C ARG A 244 -7.09 3.71 3.66
N ALA A 245 -7.04 4.12 2.39
CA ALA A 245 -5.80 4.06 1.63
C ALA A 245 -4.71 4.90 2.29
N MET A 246 -5.04 6.12 2.68
CA MET A 246 -4.02 7.01 3.22
C MET A 246 -3.50 6.51 4.56
N LEU A 247 -4.39 6.03 5.44
CA LEU A 247 -3.92 5.58 6.75
C LEU A 247 -3.21 4.24 6.65
N ALA A 248 -3.67 3.35 5.78
CA ALA A 248 -2.94 2.11 5.53
C ALA A 248 -1.53 2.41 5.05
N ALA A 249 -1.39 3.42 4.18
CA ALA A 249 -0.07 3.82 3.69
C ALA A 249 0.75 4.45 4.81
N ILE A 250 0.16 5.37 5.57
CA ILE A 250 0.84 5.94 6.74
C ILE A 250 1.40 4.83 7.61
N TYR A 251 0.55 3.85 7.94
CA TYR A 251 0.96 2.79 8.85
C TYR A 251 2.01 1.90 8.23
N ASN A 252 1.79 1.49 6.97
CA ASN A 252 2.66 0.52 6.33
C ASN A 252 4.03 1.10 6.05
N THR A 253 4.11 2.38 5.63
CA THR A 253 5.41 2.99 5.38
C THR A 253 6.15 3.29 6.68
N THR A 254 5.43 3.74 7.70
CA THR A 254 6.03 3.94 9.02
C THR A 254 6.57 2.63 9.58
N GLU A 255 5.80 1.55 9.41
CA GLU A 255 6.26 0.23 9.87
C GLU A 255 7.58 -0.16 9.20
N LEU A 256 7.69 0.05 7.89
CA LEU A 256 8.93 -0.27 7.19
C LEU A 256 10.09 0.60 7.68
N VAL A 257 9.85 1.91 7.84
CA VAL A 257 10.90 2.79 8.35
C VAL A 257 11.36 2.33 9.72
N MET A 258 10.44 1.86 10.56
CA MET A 258 10.78 1.40 11.88
C MET A 258 11.79 0.26 11.83
N MET A 259 11.68 -0.60 10.80
CA MET A 259 12.57 -1.76 10.70
C MET A 259 14.04 -1.35 10.56
N GLN A 260 14.31 -0.19 9.98
CA GLN A 260 15.66 0.32 9.76
C GLN A 260 16.07 1.41 10.75
N ASP A 261 15.24 1.68 11.75
CA ASP A 261 15.43 2.83 12.62
C ASP A 261 16.25 2.41 13.83
N SER A 262 17.47 2.97 13.95
CA SER A 262 18.32 2.75 15.12
C SER A 262 18.39 3.98 16.02
N SER A 263 17.43 4.89 15.90
CA SER A 263 17.42 6.07 16.75
C SER A 263 16.88 5.74 18.13
N PRO A 264 17.26 6.50 19.16
CA PRO A 264 16.76 6.22 20.52
C PRO A 264 15.24 6.27 20.58
N ASP A 265 14.65 5.17 21.05
CA ASP A 265 13.20 5.04 21.18
C ASP A 265 12.49 5.39 19.87
N PHE A 266 13.14 5.12 18.74
CA PHE A 266 12.51 5.21 17.42
C PHE A 266 12.00 6.62 17.12
N GLU A 267 12.67 7.66 17.63
CA GLU A 267 12.21 9.02 17.36
C GLU A 267 12.10 9.31 15.86
N ASP A 268 13.04 8.78 15.07
CA ASP A 268 12.96 9.02 13.62
C ASP A 268 11.71 8.42 13.03
N THR A 269 11.25 7.28 13.56
CA THR A 269 10.02 6.67 13.06
C THR A 269 8.81 7.56 13.33
N TRP A 270 8.73 8.13 14.54
CA TRP A 270 7.59 8.98 14.87
C TRP A 270 7.64 10.32 14.13
N ARG A 271 8.84 10.77 13.75
CA ARG A 271 8.96 11.97 12.93
C ARG A 271 8.56 11.70 11.49
N PHE A 272 8.95 10.54 10.95
CA PHE A 272 8.41 10.11 9.65
C PHE A 272 6.89 10.02 9.72
N LEU A 273 6.37 9.42 10.79
CA LEU A 273 4.93 9.31 10.98
C LEU A 273 4.27 10.68 11.01
N GLU A 274 4.84 11.62 11.76
CA GLU A 274 4.29 12.97 11.81
C GLU A 274 4.20 13.59 10.42
N ASN A 275 5.25 13.42 9.61
CA ASN A 275 5.25 13.99 8.27
C ASN A 275 4.20 13.35 7.38
N ARG A 276 4.05 12.02 7.46
CA ARG A 276 3.08 11.35 6.60
C ARG A 276 1.65 11.73 6.98
N VAL A 277 1.37 11.84 8.28
CA VAL A 277 0.04 12.26 8.70
C VAL A 277 -0.23 13.68 8.22
N ASN A 278 0.80 14.55 8.29
CA ASN A 278 0.65 15.90 7.77
C ASN A 278 0.42 15.90 6.26
N ASP A 279 1.05 14.98 5.53
CA ASP A 279 0.80 14.86 4.11
C ASP A 279 -0.66 14.50 3.84
N ALA A 280 -1.19 13.56 4.61
CA ALA A 280 -2.57 13.13 4.40
C ALA A 280 -3.55 14.24 4.76
N MET A 281 -3.31 14.92 5.89
CA MET A 281 -4.20 16.00 6.31
C MET A 281 -4.24 17.13 5.30
N ASN A 282 -3.18 17.32 4.52
CA ASN A 282 -3.18 18.37 3.50
C ASN A 282 -3.82 17.91 2.20
N MET A 283 -4.06 16.61 2.04
CA MET A 283 -4.89 16.12 0.95
C MET A 283 -6.36 16.40 1.17
N GLY A 284 -6.75 16.88 2.36
CA GLY A 284 -8.12 17.32 2.59
C GLY A 284 -8.48 18.60 1.87
N HIS A 285 -7.50 19.29 1.29
CA HIS A 285 -7.73 20.57 0.64
C HIS A 285 -7.81 20.34 -0.87
N THR A 286 -8.86 19.61 -1.24
CA THR A 286 -9.12 19.23 -2.61
C THR A 286 -9.60 20.44 -3.40
N ALA A 287 -9.86 20.24 -4.70
CA ALA A 287 -10.46 21.29 -5.50
C ALA A 287 -11.92 21.51 -5.11
N LYS A 288 -12.62 20.44 -4.71
CA LYS A 288 -13.99 20.58 -4.25
C LYS A 288 -14.06 21.53 -3.04
N GLN A 289 -13.16 21.34 -2.07
CA GLN A 289 -13.21 22.13 -0.85
C GLN A 289 -12.90 23.60 -1.12
N VAL A 290 -12.00 23.89 -2.07
CA VAL A 290 -11.81 25.27 -2.49
C VAL A 290 -13.12 25.83 -3.03
N LYS A 291 -13.88 25.01 -3.75
CA LYS A 291 -15.14 25.45 -4.33
C LYS A 291 -16.21 25.59 -3.26
N SER A 292 -16.32 24.59 -2.38
CA SER A 292 -17.37 24.63 -1.36
C SER A 292 -17.11 25.72 -0.33
N THR A 293 -15.84 25.93 0.05
CA THR A 293 -15.52 27.00 0.98
C THR A 293 -15.59 28.37 0.31
N GLY A 294 -15.12 28.47 -0.93
CA GLY A 294 -15.27 29.72 -1.66
C GLY A 294 -16.72 30.12 -1.83
N GLU A 295 -17.58 29.14 -2.09
CA GLU A 295 -18.99 29.42 -2.25
C GLU A 295 -19.65 29.72 -0.91
N ALA A 296 -19.21 29.06 0.16
CA ALA A 296 -19.69 29.39 1.49
C ALA A 296 -19.40 30.85 1.81
N LEU A 297 -18.25 31.35 1.38
CA LEU A 297 -17.92 32.75 1.63
C LEU A 297 -18.77 33.69 0.77
N VAL A 298 -19.12 33.28 -0.45
CA VAL A 298 -20.04 34.08 -1.26
C VAL A 298 -21.35 34.28 -0.52
N GLN A 299 -21.94 33.19 -0.01
CA GLN A 299 -23.17 33.31 0.77
C GLN A 299 -22.95 34.16 2.01
N GLY A 300 -21.77 34.06 2.62
CA GLY A 300 -21.46 34.90 3.76
C GLY A 300 -21.42 36.38 3.39
N LEU A 301 -20.80 36.70 2.25
CA LEU A 301 -20.74 38.08 1.79
C LEU A 301 -22.12 38.60 1.43
N MET A 302 -22.93 37.77 0.75
CA MET A 302 -24.28 38.20 0.39
C MET A 302 -25.14 38.41 1.62
N GLY A 303 -24.91 37.65 2.69
CA GLY A 303 -25.61 37.91 3.93
C GLY A 303 -25.26 39.26 4.53
N ALA A 304 -23.99 39.65 4.46
CA ALA A 304 -23.58 40.96 4.94
C ALA A 304 -24.18 42.08 4.09
N ALA A 305 -24.29 41.85 2.78
CA ALA A 305 -24.88 42.87 1.91
C ALA A 305 -26.33 43.14 2.27
N VAL A 306 -27.10 42.07 2.55
CA VAL A 306 -28.50 42.25 2.93
C VAL A 306 -28.61 43.00 4.25
N THR A 307 -27.77 42.65 5.22
CA THR A 307 -27.77 43.38 6.49
C THR A 307 -27.43 44.85 6.28
N LEU A 308 -26.37 45.12 5.52
CA LEU A 308 -25.98 46.50 5.24
C LEU A 308 -27.11 47.24 4.54
N LYS A 309 -27.73 46.60 3.54
CA LYS A 309 -28.89 47.18 2.88
C LYS A 309 -29.95 47.58 3.90
N ASN A 310 -30.18 46.75 4.91
CA ASN A 310 -31.33 46.92 5.79
C ASN A 310 -31.24 48.13 6.71
N LEU A 311 -30.13 48.88 6.67
CA LEU A 311 -30.10 50.20 7.28
C LEU A 311 -28.87 50.97 6.80
N ASP B 92 -5.25 23.03 -36.35
CA ASP B 92 -5.46 22.13 -35.22
C ASP B 92 -4.61 22.58 -34.04
N TYR B 93 -5.23 22.66 -32.87
CA TYR B 93 -4.61 23.21 -31.67
C TYR B 93 -4.66 22.19 -30.56
N GLU B 94 -4.02 22.50 -29.43
CA GLU B 94 -3.88 21.57 -28.33
C GLU B 94 -4.48 22.15 -27.04
N SER B 95 -5.10 21.27 -26.26
CA SER B 95 -5.65 21.63 -24.96
C SER B 95 -4.55 21.68 -23.92
N GLU B 96 -4.91 22.16 -22.72
CA GLU B 96 -3.94 22.23 -21.63
C GLU B 96 -3.59 20.86 -21.09
N GLU B 97 -4.46 19.86 -21.25
CA GLU B 97 -4.10 18.51 -20.83
C GLU B 97 -3.15 17.87 -21.84
N GLN B 98 -3.39 18.10 -23.14
CA GLN B 98 -2.47 17.60 -24.15
C GLN B 98 -1.09 18.21 -23.99
N LEU B 99 -1.03 19.49 -23.60
CA LEU B 99 0.27 20.13 -23.39
C LEU B 99 1.03 19.47 -22.23
N GLN B 100 0.35 19.26 -21.10
CA GLN B 100 0.99 18.59 -19.98
C GLN B 100 1.43 17.19 -20.33
N HIS B 101 0.58 16.45 -21.05
CA HIS B 101 0.96 15.13 -21.53
C HIS B 101 2.24 15.19 -22.36
N ARG B 102 2.34 16.18 -23.26
CA ARG B 102 3.55 16.31 -24.07
C ARG B 102 4.76 16.59 -23.20
N ILE B 103 4.63 17.49 -22.23
CA ILE B 103 5.76 17.81 -21.36
C ILE B 103 6.24 16.55 -20.64
N LEU B 104 5.29 15.80 -20.07
CA LEU B 104 5.65 14.64 -19.27
C LEU B 104 6.26 13.52 -20.11
N THR B 105 5.76 13.33 -21.34
CA THR B 105 6.37 12.35 -22.23
C THR B 105 7.80 12.74 -22.55
N ALA B 106 8.02 14.02 -22.89
CA ALA B 106 9.37 14.50 -23.17
C ALA B 106 10.25 14.39 -21.93
N ALA B 107 9.66 14.56 -20.74
CA ALA B 107 10.44 14.52 -19.51
C ALA B 107 11.08 13.15 -19.30
N LEU B 108 10.50 12.10 -19.88
CA LEU B 108 11.03 10.75 -19.65
C LEU B 108 12.46 10.62 -20.15
N GLU B 109 12.82 11.34 -21.23
CA GLU B 109 14.19 11.30 -21.73
C GLU B 109 15.21 11.67 -20.65
N PHE B 110 14.82 12.54 -19.72
CA PHE B 110 15.76 13.10 -18.76
C PHE B 110 15.73 12.41 -17.41
N VAL B 111 14.94 11.35 -17.25
CA VAL B 111 14.84 10.63 -15.98
C VAL B 111 16.17 9.97 -15.63
N PRO B 112 16.80 9.21 -16.55
CA PRO B 112 18.08 8.57 -16.18
C PRO B 112 19.12 9.54 -15.64
N ALA B 113 19.17 10.77 -16.17
CA ALA B 113 20.14 11.75 -15.74
C ALA B 113 19.65 12.61 -14.57
N HIS B 114 18.33 12.75 -14.40
CA HIS B 114 17.74 13.64 -13.40
C HIS B 114 16.81 12.94 -12.41
N GLY B 115 16.44 11.69 -12.67
CA GLY B 115 15.51 11.00 -11.80
C GLY B 115 14.07 11.38 -12.07
N TRP B 116 13.18 10.83 -11.22
CA TRP B 116 11.75 11.10 -11.29
C TRP B 116 11.45 12.36 -10.47
N THR B 117 11.79 13.51 -11.05
CA THR B 117 11.90 14.74 -10.29
C THR B 117 11.36 15.91 -11.11
N ALA B 118 11.13 17.02 -10.40
CA ALA B 118 10.76 18.27 -11.07
C ALA B 118 11.83 18.73 -12.06
N GLU B 119 13.11 18.45 -11.78
CA GLU B 119 14.17 18.81 -12.71
C GLU B 119 13.95 18.15 -14.06
N ALA B 120 13.65 16.85 -14.07
CA ALA B 120 13.41 16.15 -15.32
C ALA B 120 12.21 16.74 -16.05
N ILE B 121 11.18 17.15 -15.31
CA ILE B 121 9.99 17.75 -15.92
C ILE B 121 10.35 19.06 -16.58
N ALA B 122 11.07 19.93 -15.85
CA ALA B 122 11.53 21.18 -16.43
C ALA B 122 12.36 20.94 -17.68
N GLU B 123 13.23 19.93 -17.65
CA GLU B 123 14.07 19.62 -18.80
C GLU B 123 13.22 19.21 -19.99
N GLY B 124 12.20 18.38 -19.77
CA GLY B 124 11.27 18.06 -20.83
C GLY B 124 10.61 19.29 -21.42
N ALA B 125 10.21 20.23 -20.56
CA ALA B 125 9.56 21.45 -21.04
C ALA B 125 10.51 22.25 -21.92
N GLN B 126 11.77 22.40 -21.52
CA GLN B 126 12.71 23.15 -22.36
C GLN B 126 13.00 22.43 -23.67
N SER B 127 13.03 21.09 -23.66
CA SER B 127 13.28 20.37 -24.90
C SER B 127 12.16 20.58 -25.91
N LEU B 128 11.01 21.06 -25.46
CA LEU B 128 9.90 21.42 -26.33
C LEU B 128 9.85 22.89 -26.67
N GLY B 129 10.83 23.68 -26.22
CA GLY B 129 10.85 25.10 -26.47
C GLY B 129 10.11 25.95 -25.46
N LEU B 130 9.65 25.39 -24.36
CA LEU B 130 8.87 26.15 -23.40
C LEU B 130 9.79 26.81 -22.38
N SER B 131 9.26 27.86 -21.75
CA SER B 131 9.99 28.62 -20.75
C SER B 131 10.07 27.87 -19.43
N SER B 132 11.04 28.27 -18.61
CA SER B 132 11.17 27.70 -17.28
C SER B 132 9.88 27.84 -16.47
N ALA B 133 9.03 28.80 -16.84
CA ALA B 133 7.75 28.97 -16.16
C ALA B 133 6.82 27.78 -16.40
N ALA B 134 7.12 26.93 -17.39
CA ALA B 134 6.26 25.80 -17.69
C ALA B 134 6.12 24.85 -16.51
N ALA B 135 7.23 24.50 -15.85
CA ALA B 135 7.16 23.54 -14.76
C ALA B 135 6.40 24.06 -13.54
N SER B 136 6.05 25.34 -13.50
CA SER B 136 5.21 25.86 -12.43
C SER B 136 3.87 25.14 -12.36
N MET B 137 3.42 24.54 -13.47
CA MET B 137 2.16 23.82 -13.51
C MET B 137 2.24 22.43 -12.87
N PHE B 138 3.40 22.03 -12.36
CA PHE B 138 3.55 20.73 -11.72
C PHE B 138 4.10 20.94 -10.33
N GLY B 139 3.78 19.99 -9.45
CA GLY B 139 4.33 20.01 -8.12
C GLY B 139 5.83 19.86 -8.12
N LYS B 140 6.39 19.75 -6.92
CA LYS B 140 7.82 19.60 -6.73
C LYS B 140 8.24 18.14 -6.54
N ASP B 141 7.28 17.23 -6.43
CA ASP B 141 7.56 15.84 -6.13
C ASP B 141 8.22 15.12 -7.30
N GLY B 142 7.77 15.38 -8.53
CA GLY B 142 7.95 14.44 -9.62
C GLY B 142 6.83 13.44 -9.74
N SER B 143 5.78 13.58 -8.91
CA SER B 143 4.69 12.61 -8.88
C SER B 143 4.01 12.53 -10.23
N GLU B 144 3.69 13.68 -10.82
CA GLU B 144 2.98 13.70 -12.10
C GLU B 144 3.73 12.89 -13.14
N LEU B 145 5.06 12.98 -13.15
CA LEU B 145 5.86 12.23 -14.11
C LEU B 145 5.78 10.73 -13.82
N ILE B 146 5.85 10.34 -12.55
CA ILE B 146 5.80 8.93 -12.20
C ILE B 146 4.44 8.35 -12.55
N LEU B 147 3.38 9.03 -12.14
CA LEU B 147 2.03 8.57 -12.44
C LEU B 147 1.78 8.56 -13.94
N HIS B 148 2.34 9.54 -14.66
CA HIS B 148 2.27 9.54 -16.11
C HIS B 148 2.89 8.27 -16.68
N PHE B 149 4.07 7.89 -16.18
CA PHE B 149 4.73 6.69 -16.69
C PHE B 149 3.94 5.44 -16.34
N VAL B 150 3.43 5.34 -15.10
CA VAL B 150 2.65 4.17 -14.73
C VAL B 150 1.45 4.03 -15.65
N THR B 151 0.79 5.15 -15.97
CA THR B 151 -0.37 5.11 -16.85
C THR B 151 0.00 4.62 -18.25
N GLN B 152 1.07 5.16 -18.81
CA GLN B 152 1.50 4.70 -20.13
C GLN B 152 1.80 3.20 -20.12
N CYS B 153 2.45 2.72 -19.06
CA CYS B 153 2.75 1.30 -18.98
C CYS B 153 1.47 0.47 -18.91
N ASN B 154 0.50 0.90 -18.10
CA ASN B 154 -0.76 0.16 -18.01
C ASN B 154 -1.53 0.22 -19.31
N THR B 155 -1.48 1.35 -20.00
CA THR B 155 -2.10 1.45 -21.33
C THR B 155 -1.42 0.50 -22.30
N ARG B 156 -0.10 0.57 -22.39
N ARG B 156 -0.10 0.57 -22.40
CA ARG B 156 0.67 -0.34 -23.22
CA ARG B 156 0.64 -0.36 -23.25
C ARG B 156 0.37 -1.80 -22.87
C ARG B 156 0.30 -1.80 -22.88
N LEU B 157 0.12 -2.08 -21.59
CA LEU B 157 -0.18 -3.45 -21.17
C LEU B 157 -1.53 -3.89 -21.70
N THR B 158 -2.56 -3.05 -21.54
CA THR B 158 -3.89 -3.43 -22.02
C THR B 158 -3.85 -3.75 -23.50
N ARG B 159 -3.05 -3.01 -24.26
CA ARG B 159 -2.95 -3.23 -25.69
C ARG B 159 -2.29 -4.57 -25.99
N VAL B 160 -1.26 -4.92 -25.22
CA VAL B 160 -0.63 -6.25 -25.38
C VAL B 160 -1.65 -7.34 -25.12
N LEU B 161 -2.41 -7.20 -24.03
CA LEU B 161 -3.38 -8.22 -23.66
C LEU B 161 -4.51 -8.32 -24.68
N GLU B 162 -4.99 -7.18 -25.17
N GLU B 162 -4.98 -7.18 -25.19
CA GLU B 162 -5.96 -7.17 -26.26
CA GLU B 162 -5.99 -7.24 -26.25
C GLU B 162 -5.45 -7.98 -27.44
C GLU B 162 -5.46 -7.95 -27.49
N GLU B 163 -4.15 -7.88 -27.74
CA GLU B 163 -3.58 -8.54 -28.92
C GLU B 163 -3.47 -10.04 -28.70
N GLU B 164 -2.98 -10.44 -27.53
CA GLU B 164 -2.92 -11.86 -27.20
C GLU B 164 -4.30 -12.49 -27.23
N GLN B 165 -5.31 -11.77 -26.74
CA GLN B 165 -6.67 -12.29 -26.75
C GLN B 165 -7.18 -12.44 -28.17
N LYS B 166 -6.89 -11.48 -29.05
CA LYS B 166 -7.36 -11.56 -30.43
C LYS B 166 -6.80 -12.81 -31.11
N LEU B 167 -5.53 -13.15 -30.82
CA LEU B 167 -4.96 -14.36 -31.41
C LEU B 167 -5.75 -15.60 -30.98
N VAL B 168 -6.15 -15.66 -29.71
CA VAL B 168 -6.95 -16.79 -29.25
C VAL B 168 -8.32 -16.78 -29.91
N GLN B 169 -8.92 -15.60 -30.07
CA GLN B 169 -10.20 -15.52 -30.76
C GLN B 169 -10.08 -15.96 -32.20
N LEU B 170 -8.95 -15.71 -32.85
CA LEU B 170 -8.75 -16.11 -34.23
C LEU B 170 -8.39 -17.58 -34.38
N GLY B 171 -8.21 -18.30 -33.29
CA GLY B 171 -7.69 -19.65 -33.39
C GLY B 171 -6.22 -19.70 -33.72
N GLN B 172 -5.53 -18.55 -33.69
CA GLN B 172 -4.11 -18.49 -34.01
C GLN B 172 -3.22 -18.72 -32.79
N ALA B 173 -3.82 -18.79 -31.60
CA ALA B 173 -3.09 -19.14 -30.39
C ALA B 173 -4.04 -19.88 -29.46
N GLU B 174 -3.48 -20.75 -28.64
CA GLU B 174 -4.27 -21.46 -27.65
C GLU B 174 -4.30 -20.68 -26.34
N LYS B 175 -5.47 -20.65 -25.72
CA LYS B 175 -5.64 -20.05 -24.41
C LYS B 175 -4.70 -20.67 -23.39
N ARG B 176 -3.98 -19.82 -22.66
CA ARG B 176 -3.09 -20.28 -21.61
C ARG B 176 -3.87 -20.50 -20.31
N LYS B 177 -3.34 -21.39 -19.48
CA LYS B 177 -3.86 -21.57 -18.14
C LYS B 177 -3.72 -20.27 -17.35
N THR B 178 -4.58 -20.08 -16.35
CA THR B 178 -4.57 -18.83 -15.60
C THR B 178 -3.20 -18.55 -14.99
N ASP B 179 -2.61 -19.56 -14.34
CA ASP B 179 -1.33 -19.33 -13.66
C ASP B 179 -0.26 -18.90 -14.64
N GLN B 180 -0.22 -19.52 -15.83
CA GLN B 180 0.74 -19.10 -16.84
C GLN B 180 0.43 -17.69 -17.35
N PHE B 181 -0.86 -17.40 -17.58
CA PHE B 181 -1.25 -16.09 -18.08
C PHE B 181 -0.80 -14.98 -17.14
N LEU B 182 -1.04 -15.14 -15.84
CA LEU B 182 -0.71 -14.09 -14.89
C LEU B 182 0.79 -13.90 -14.78
N ARG B 183 1.55 -15.00 -14.83
CA ARG B 183 3.01 -14.88 -14.84
C ARG B 183 3.49 -14.12 -16.06
N ASP B 184 2.89 -14.38 -17.23
CA ASP B 184 3.29 -13.69 -18.44
C ASP B 184 2.89 -12.22 -18.39
N ALA B 185 1.69 -11.93 -17.88
CA ALA B 185 1.22 -10.55 -17.83
C ALA B 185 2.04 -9.72 -16.86
N VAL B 186 2.38 -10.29 -15.72
CA VAL B 186 3.18 -9.57 -14.73
C VAL B 186 4.60 -9.32 -15.27
N GLU B 187 5.19 -10.34 -15.90
CA GLU B 187 6.51 -10.16 -16.50
C GLU B 187 6.47 -9.09 -17.58
N THR B 188 5.47 -9.16 -18.47
CA THR B 188 5.34 -8.16 -19.52
C THR B 188 5.29 -6.75 -18.92
N ARG B 189 4.55 -6.59 -17.82
CA ARG B 189 4.37 -5.27 -17.25
C ARG B 189 5.63 -4.79 -16.52
N LEU B 190 6.29 -5.69 -15.79
CA LEU B 190 7.46 -5.30 -15.02
C LEU B 190 8.68 -5.08 -15.91
N ARG B 191 8.74 -5.76 -17.05
CA ARG B 191 9.83 -5.53 -17.99
C ARG B 191 9.82 -4.12 -18.55
N MET B 192 8.66 -3.45 -18.54
CA MET B 192 8.59 -2.05 -18.95
C MET B 192 9.40 -1.14 -18.04
N LEU B 193 9.86 -1.62 -16.89
CA LEU B 193 10.64 -0.80 -15.97
C LEU B 193 12.12 -0.77 -16.30
N ILE B 194 12.61 -1.74 -17.07
CA ILE B 194 14.05 -1.95 -17.17
C ILE B 194 14.77 -0.70 -17.63
N PRO B 195 14.31 0.02 -18.66
CA PRO B 195 15.03 1.24 -19.07
C PRO B 195 15.07 2.30 -17.99
N TYR B 196 14.19 2.24 -17.00
CA TYR B 196 14.07 3.25 -15.96
C TYR B 196 14.41 2.71 -14.57
N ILE B 197 15.08 1.56 -14.49
CA ILE B 197 15.18 0.87 -13.21
C ILE B 197 16.15 1.57 -12.26
N GLU B 198 17.11 2.34 -12.79
CA GLU B 198 18.08 2.99 -11.93
C GLU B 198 17.41 3.81 -10.84
N HIS B 199 16.37 4.55 -11.18
CA HIS B 199 15.70 5.45 -10.22
C HIS B 199 14.33 4.95 -9.78
N TRP B 200 13.91 3.76 -10.20
CA TRP B 200 12.56 3.33 -9.89
C TRP B 200 12.38 3.04 -8.40
N PRO B 201 13.40 2.58 -7.68
CA PRO B 201 13.22 2.42 -6.22
C PRO B 201 12.71 3.67 -5.53
N ARG B 202 13.23 4.85 -5.88
CA ARG B 202 12.72 6.07 -5.28
C ARG B 202 11.32 6.39 -5.80
N ALA B 203 11.07 6.14 -7.09
CA ALA B 203 9.74 6.38 -7.64
C ALA B 203 8.68 5.58 -6.89
N LEU B 204 8.97 4.31 -6.59
CA LEU B 204 8.03 3.51 -5.81
C LEU B 204 7.72 4.14 -4.47
N SER B 205 8.75 4.67 -3.79
N SER B 205 8.75 4.67 -3.80
CA SER B 205 8.53 5.23 -2.47
CA SER B 205 8.55 5.24 -2.48
C SER B 205 7.67 6.48 -2.53
C SER B 205 7.65 6.47 -2.54
N ILE B 206 7.82 7.30 -3.58
CA ILE B 206 6.98 8.48 -3.73
C ILE B 206 5.53 8.05 -3.97
N LEU B 207 5.33 7.01 -4.77
CA LEU B 207 3.98 6.49 -4.99
C LEU B 207 3.35 5.98 -3.71
N MET B 208 4.14 5.72 -2.66
CA MET B 208 3.60 5.22 -1.40
C MET B 208 3.19 6.34 -0.44
N LEU B 209 3.44 7.60 -0.80
CA LEU B 209 3.07 8.71 0.06
C LEU B 209 1.56 8.97 0.05
N PRO B 210 0.99 9.41 1.17
CA PRO B 210 -0.48 9.58 1.23
C PRO B 210 -1.07 10.37 0.08
N HIS B 211 -0.41 11.46 -0.33
CA HIS B 211 -0.95 12.29 -1.39
C HIS B 211 -0.88 11.64 -2.77
N ASN B 212 -0.14 10.54 -2.92
CA ASN B 212 -0.14 9.79 -4.17
C ASN B 212 -0.90 8.47 -4.12
N ILE B 213 -1.22 7.94 -2.94
CA ILE B 213 -1.74 6.58 -2.85
C ILE B 213 -3.09 6.43 -3.55
N PRO B 214 -4.03 7.36 -3.39
CA PRO B 214 -5.31 7.21 -4.09
C PRO B 214 -5.12 7.01 -5.58
N SER B 215 -4.24 7.79 -6.20
CA SER B 215 -3.99 7.65 -7.63
C SER B 215 -3.21 6.37 -7.93
N SER B 216 -2.08 6.16 -7.24
CA SER B 216 -1.27 4.96 -7.51
C SER B 216 -2.07 3.70 -7.23
N LEU B 217 -2.87 3.71 -6.15
CA LEU B 217 -3.67 2.54 -5.81
C LEU B 217 -4.77 2.30 -6.84
N SER B 218 -5.31 3.36 -7.44
CA SER B 218 -6.31 3.20 -8.47
C SER B 218 -5.69 2.62 -9.75
N LEU B 219 -4.52 3.12 -10.14
CA LEU B 219 -3.83 2.56 -11.30
C LEU B 219 -3.51 1.08 -11.09
N LEU B 220 -3.00 0.74 -9.90
CA LEU B 220 -2.68 -0.66 -9.62
C LEU B 220 -3.92 -1.53 -9.71
N THR B 221 -5.02 -1.10 -9.08
CA THR B 221 -6.23 -1.92 -9.07
C THR B 221 -6.79 -2.09 -10.48
N SER B 222 -6.80 -1.01 -11.27
CA SER B 222 -7.27 -1.11 -12.65
C SER B 222 -6.40 -2.05 -13.47
N MET B 223 -5.08 -1.95 -13.30
CA MET B 223 -4.17 -2.89 -13.96
C MET B 223 -4.49 -4.33 -13.56
N VAL B 224 -4.55 -4.58 -12.25
CA VAL B 224 -4.84 -5.92 -11.76
C VAL B 224 -6.19 -6.41 -12.29
N ASP B 225 -7.22 -5.57 -12.18
CA ASP B 225 -8.52 -5.94 -12.75
C ASP B 225 -8.40 -6.23 -14.23
N ASP B 226 -7.58 -5.45 -14.95
CA ASP B 226 -7.39 -5.69 -16.37
C ASP B 226 -6.75 -7.05 -16.61
N MET B 227 -5.74 -7.41 -15.83
CA MET B 227 -5.09 -8.71 -15.99
C MET B 227 -6.10 -9.84 -15.82
N TRP B 228 -6.95 -9.76 -14.79
CA TRP B 228 -7.94 -10.81 -14.56
C TRP B 228 -8.95 -10.88 -15.70
N HIS B 229 -9.38 -9.73 -16.21
CA HIS B 229 -10.33 -9.73 -17.32
C HIS B 229 -9.81 -10.59 -18.47
N TYR B 230 -8.54 -10.41 -18.84
CA TYR B 230 -7.99 -11.13 -19.98
C TYR B 230 -7.54 -12.54 -19.64
N ALA B 231 -7.33 -12.87 -18.36
CA ALA B 231 -7.07 -14.25 -18.00
C ALA B 231 -8.22 -15.15 -18.39
N GLY B 232 -9.45 -14.62 -18.39
CA GLY B 232 -10.61 -15.41 -18.74
C GLY B 232 -10.89 -16.56 -17.81
N ASP B 233 -10.64 -16.39 -16.52
CA ASP B 233 -10.85 -17.45 -15.54
C ASP B 233 -12.29 -17.37 -15.08
N GLN B 234 -13.08 -18.39 -15.42
CA GLN B 234 -14.51 -18.41 -15.18
C GLN B 234 -14.83 -19.20 -13.91
N SER B 235 -14.28 -18.73 -12.79
CA SER B 235 -14.47 -19.40 -11.50
C SER B 235 -13.43 -20.50 -11.32
N THR B 236 -13.02 -20.78 -10.09
CA THR B 236 -13.25 -19.91 -8.94
C THR B 236 -12.17 -20.22 -7.91
N ASP B 237 -12.60 -20.55 -6.69
CA ASP B 237 -11.68 -20.85 -5.59
C ASP B 237 -11.23 -19.51 -5.01
N PHE B 238 -11.37 -18.44 -5.79
CA PHE B 238 -11.18 -17.07 -5.33
C PHE B 238 -12.24 -16.20 -6.01
N ASN B 239 -12.78 -15.20 -5.30
CA ASN B 239 -13.72 -14.28 -5.91
C ASN B 239 -13.04 -12.97 -6.34
N TRP B 240 -13.86 -12.01 -6.79
N TRP B 240 -13.86 -12.01 -6.78
CA TRP B 240 -13.35 -10.72 -7.24
CA TRP B 240 -13.35 -10.72 -7.24
C TRP B 240 -12.35 -10.13 -6.24
C TRP B 240 -12.37 -10.11 -6.25
N TYR B 241 -12.71 -10.14 -4.95
CA TYR B 241 -11.92 -9.42 -3.97
C TYR B 241 -10.61 -10.15 -3.69
N THR B 242 -10.67 -11.46 -3.44
CA THR B 242 -9.47 -12.23 -3.20
C THR B 242 -8.56 -12.23 -4.43
N ARG B 243 -9.14 -12.32 -5.63
CA ARG B 243 -8.36 -12.26 -6.86
C ARG B 243 -7.57 -10.96 -6.93
N ARG B 244 -8.26 -9.82 -6.78
CA ARG B 244 -7.59 -8.53 -6.87
C ARG B 244 -6.49 -8.40 -5.83
N ALA B 245 -6.82 -8.72 -4.57
CA ALA B 245 -5.86 -8.57 -3.49
C ALA B 245 -4.61 -9.41 -3.74
N MET B 246 -4.79 -10.67 -4.14
CA MET B 246 -3.64 -11.57 -4.30
C MET B 246 -2.75 -11.12 -5.44
N LEU B 247 -3.33 -10.71 -6.57
CA LEU B 247 -2.51 -10.32 -7.71
C LEU B 247 -1.83 -8.98 -7.46
N ALA B 248 -2.48 -8.06 -6.75
CA ALA B 248 -1.82 -6.83 -6.35
C ALA B 248 -0.59 -7.12 -5.48
N ALA B 249 -0.72 -8.08 -4.56
CA ALA B 249 0.42 -8.45 -3.72
C ALA B 249 1.51 -9.13 -4.55
N ILE B 250 1.11 -10.10 -5.37
CA ILE B 250 2.08 -10.73 -6.29
C ILE B 250 2.86 -9.66 -7.05
N TYR B 251 2.16 -8.69 -7.62
CA TYR B 251 2.82 -7.68 -8.44
C TYR B 251 3.73 -6.80 -7.61
N ASN B 252 3.23 -6.28 -6.48
CA ASN B 252 4.02 -5.32 -5.71
C ASN B 252 5.22 -5.99 -5.05
N THR B 253 5.08 -7.23 -4.59
CA THR B 253 6.21 -7.91 -3.97
C THR B 253 7.23 -8.34 -5.01
N THR B 254 6.78 -8.82 -6.16
CA THR B 254 7.71 -9.13 -7.25
C THR B 254 8.44 -7.87 -7.69
N GLU B 255 7.72 -6.75 -7.76
CA GLU B 255 8.35 -5.48 -8.11
C GLU B 255 9.46 -5.12 -7.13
N LEU B 256 9.22 -5.30 -5.83
CA LEU B 256 10.25 -4.99 -4.84
C LEU B 256 11.47 -5.89 -5.03
N VAL B 257 11.25 -7.18 -5.24
CA VAL B 257 12.34 -8.11 -5.49
C VAL B 257 13.10 -7.71 -6.75
N MET B 258 12.39 -7.25 -7.78
CA MET B 258 13.06 -6.85 -9.02
C MET B 258 14.07 -5.74 -8.78
N MET B 259 13.77 -4.82 -7.85
CA MET B 259 14.67 -3.72 -7.58
C MET B 259 16.02 -4.19 -7.05
N GLN B 260 16.07 -5.38 -6.45
CA GLN B 260 17.31 -5.88 -5.86
C GLN B 260 17.99 -6.92 -6.73
N ASP B 261 17.45 -7.22 -7.90
CA ASP B 261 17.86 -8.37 -8.70
C ASP B 261 18.88 -7.94 -9.76
N SER B 262 20.12 -8.43 -9.62
CA SER B 262 21.16 -8.23 -10.63
C SER B 262 21.48 -9.52 -11.39
N SER B 263 20.56 -10.47 -11.39
CA SER B 263 20.79 -11.73 -12.09
C SER B 263 20.57 -11.55 -13.59
N PRO B 264 21.16 -12.41 -14.41
CA PRO B 264 21.01 -12.26 -15.87
C PRO B 264 19.55 -12.26 -16.28
N ASP B 265 19.15 -11.19 -16.98
CA ASP B 265 17.78 -11.01 -17.47
C ASP B 265 16.75 -11.16 -16.35
N PHE B 266 17.12 -10.79 -15.13
CA PHE B 266 16.18 -10.78 -14.01
C PHE B 266 15.60 -12.17 -13.75
N GLU B 267 16.43 -13.20 -13.96
CA GLU B 267 16.01 -14.57 -13.74
C GLU B 267 15.40 -14.76 -12.35
N ASP B 268 16.02 -14.15 -11.34
CA ASP B 268 15.55 -14.34 -9.97
C ASP B 268 14.15 -13.76 -9.78
N THR B 269 13.86 -12.63 -10.45
CA THR B 269 12.55 -12.02 -10.31
C THR B 269 11.44 -12.93 -10.85
N TRP B 270 11.67 -13.52 -12.03
CA TRP B 270 10.65 -14.39 -12.61
C TRP B 270 10.52 -15.69 -11.84
N ARG B 271 11.60 -16.09 -11.16
CA ARG B 271 11.53 -17.27 -10.31
C ARG B 271 10.71 -16.98 -9.05
N PHE B 272 10.90 -15.79 -8.48
CA PHE B 272 10.05 -15.32 -7.40
C PHE B 272 8.59 -15.24 -7.85
N LEU B 273 8.34 -14.66 -9.03
CA LEU B 273 6.98 -14.52 -9.55
C LEU B 273 6.32 -15.88 -9.70
N GLU B 274 7.01 -16.84 -10.33
CA GLU B 274 6.46 -18.18 -10.47
C GLU B 274 6.11 -18.76 -9.10
N ASN B 275 6.97 -18.54 -8.11
CA ASN B 275 6.72 -19.06 -6.77
C ASN B 275 5.46 -18.43 -6.16
N ARG B 276 5.28 -17.12 -6.34
CA ARG B 276 4.11 -16.46 -5.75
C ARG B 276 2.82 -16.87 -6.45
N VAL B 277 2.85 -16.98 -7.79
CA VAL B 277 1.65 -17.39 -8.50
C VAL B 277 1.25 -18.81 -8.10
N ASN B 278 2.24 -19.69 -7.94
CA ASN B 278 1.95 -21.04 -7.46
C ASN B 278 1.38 -21.02 -6.06
N ASP B 279 1.89 -20.15 -5.20
CA ASP B 279 1.35 -20.01 -3.86
C ASP B 279 -0.12 -19.57 -3.88
N ALA B 280 -0.45 -18.63 -4.78
CA ALA B 280 -1.81 -18.11 -4.84
C ALA B 280 -2.80 -19.14 -5.38
N MET B 281 -2.45 -19.76 -6.51
CA MET B 281 -3.37 -20.72 -7.14
C MET B 281 -3.63 -21.93 -6.25
N ASN B 282 -2.68 -22.26 -5.39
CA ASN B 282 -2.82 -23.41 -4.50
C ASN B 282 -3.48 -23.02 -3.18
#